data_5NE3
#
_entry.id   5NE3
#
_cell.length_a   69.492
_cell.length_b   84.305
_cell.length_c   93.668
_cell.angle_alpha   90.00
_cell.angle_beta   90.00
_cell.angle_gamma   90.00
#
_symmetry.space_group_name_H-M   'P 21 21 21'
#
loop_
_entity.id
_entity.type
_entity.pdbx_description
1 polymer Beta-lactamase
2 non-polymer (2S,5R)-1-formyl-5-[(sulfooxy)amino]piperidine-2-carboxamide
3 water water
#
_entity_poly.entity_id   1
_entity_poly.type   'polypeptide(L)'
_entity_poly.pdbx_seq_one_letter_code
;GPAGKATANAPTDAAITAASDFAALEKACAGRLGVTLLDTASGRRIGHRQDERFPMCSTFKSMLAATVLSQAERMPALLD
RRVPVGEADLLSHAPVTRRHAGKDMTVRDLCRATIITSDNTAANLLFGVVGGPPAVTAFLRASGDTVSRSDRLEPELNSF
AKGDPRDTTTPAAMAATLQRVVLGEVLQPASRQQLADWLIDNETGDACLRAGLGKRWRVGDKTGSNGEDARNDIAVLWPV
AGGAPWVLTAYLQAGAISYEQRASVLAQVGRIADRLIG
;
_entity_poly.pdbx_strand_id   A,B
#
loop_
_chem_comp.id
_chem_comp.type
_chem_comp.name
_chem_comp.formula
NXL non-polymer (2S,5R)-1-formyl-5-[(sulfooxy)amino]piperidine-2-carboxamide 'C7 H13 N3 O6 S'
#
# COMPACT_ATOMS: atom_id res chain seq x y z
N ALA A 10 -19.11 10.08 -28.10
CA ALA A 10 -18.36 9.27 -29.06
C ALA A 10 -17.40 10.10 -29.91
N PRO A 11 -17.90 11.19 -30.53
CA PRO A 11 -16.99 12.00 -31.34
C PRO A 11 -15.77 12.49 -30.59
N THR A 12 -15.95 12.94 -29.34
CA THR A 12 -14.79 13.38 -28.56
C THR A 12 -13.83 12.24 -28.30
N ASP A 13 -14.36 11.07 -27.92
CA ASP A 13 -13.50 9.91 -27.68
C ASP A 13 -12.72 9.54 -28.93
N ALA A 14 -13.38 9.55 -30.09
CA ALA A 14 -12.71 9.23 -31.35
C ALA A 14 -11.65 10.26 -31.69
N ALA A 15 -11.93 11.54 -31.44
CA ALA A 15 -10.94 12.57 -31.74
C ALA A 15 -9.72 12.43 -30.84
N ILE A 16 -9.94 12.07 -29.57
CA ILE A 16 -8.82 11.84 -28.67
C ILE A 16 -7.97 10.68 -29.16
N THR A 17 -8.62 9.56 -29.53
CA THR A 17 -7.89 8.39 -30.00
C THR A 17 -7.12 8.67 -31.28
N ALA A 18 -7.66 9.53 -32.15
CA ALA A 18 -7.00 9.82 -33.42
C ALA A 18 -5.85 10.81 -33.29
N ALA A 19 -5.71 11.48 -32.15
CA ALA A 19 -4.68 12.51 -32.01
C ALA A 19 -3.30 11.88 -31.92
N SER A 20 -2.39 12.30 -32.82
CA SER A 20 -1.04 11.76 -32.86
C SER A 20 0.03 12.76 -32.41
N ASP A 21 -0.35 13.98 -32.03
CA ASP A 21 0.58 14.94 -31.46
C ASP A 21 -0.14 15.71 -30.36
N PHE A 22 0.65 16.36 -29.48
CA PHE A 22 0.05 16.98 -28.29
C PHE A 22 -0.90 18.11 -28.67
N ALA A 23 -0.55 18.90 -29.68
CA ALA A 23 -1.44 19.99 -30.08
C ALA A 23 -2.79 19.47 -30.55
N ALA A 24 -2.79 18.40 -31.35
CA ALA A 24 -4.04 17.82 -31.81
C ALA A 24 -4.83 17.22 -30.64
N LEU A 25 -4.13 16.65 -29.67
CA LEU A 25 -4.80 16.06 -28.50
C LEU A 25 -5.47 17.15 -27.67
N GLU A 26 -4.78 18.27 -27.47
CA GLU A 26 -5.39 19.41 -26.79
C GLU A 26 -6.65 19.86 -27.51
N LYS A 27 -6.59 19.96 -28.83
CA LYS A 27 -7.77 20.39 -29.58
C LYS A 27 -8.91 19.37 -29.46
N ALA A 28 -8.57 18.08 -29.44
CA ALA A 28 -9.59 17.05 -29.41
C ALA A 28 -10.47 17.13 -28.17
N CYS A 29 -9.92 17.61 -27.06
CA CYS A 29 -10.68 17.73 -25.81
C CYS A 29 -11.05 19.17 -25.50
N ALA A 30 -10.79 20.10 -26.42
CA ALA A 30 -11.07 21.52 -26.22
C ALA A 30 -10.47 22.05 -24.92
N GLY A 31 -9.29 21.55 -24.57
CA GLY A 31 -8.69 21.84 -23.30
C GLY A 31 -7.44 22.70 -23.41
N ARG A 32 -6.70 22.74 -22.30
CA ARG A 32 -5.38 23.33 -22.25
C ARG A 32 -4.48 22.24 -21.69
N LEU A 33 -3.50 21.82 -22.48
CA LEU A 33 -2.68 20.67 -22.16
C LEU A 33 -1.23 21.12 -22.10
N GLY A 34 -0.56 20.80 -20.99
CA GLY A 34 0.85 21.08 -20.83
C GLY A 34 1.62 19.79 -20.66
N VAL A 35 2.59 19.53 -21.54
CA VAL A 35 3.35 18.28 -21.52
C VAL A 35 4.82 18.61 -21.69
N THR A 36 5.66 17.94 -20.89
CA THR A 36 7.09 17.87 -21.14
C THR A 36 7.51 16.41 -21.17
N LEU A 37 8.16 16.01 -22.27
CA LEU A 37 8.84 14.74 -22.36
C LEU A 37 10.33 15.04 -22.38
N LEU A 38 11.03 14.60 -21.34
CA LEU A 38 12.42 14.96 -21.09
C LEU A 38 13.29 13.72 -21.19
N ASP A 39 14.31 13.79 -22.06
CA ASP A 39 15.34 12.76 -22.18
C ASP A 39 16.45 13.10 -21.20
N THR A 40 16.61 12.29 -20.15
CA THR A 40 17.62 12.64 -19.14
C THR A 40 19.06 12.47 -19.63
N ALA A 41 19.29 11.70 -20.69
CA ALA A 41 20.66 11.59 -21.20
C ALA A 41 21.13 12.89 -21.84
N SER A 42 20.23 13.57 -22.56
CA SER A 42 20.60 14.73 -23.37
C SER A 42 20.07 16.04 -22.82
N GLY A 43 19.06 16.02 -21.96
CA GLY A 43 18.36 17.22 -21.57
C GLY A 43 17.33 17.69 -22.58
N ARG A 44 17.18 17.00 -23.71
CA ARG A 44 16.24 17.45 -24.74
C ARG A 44 14.81 17.27 -24.26
N ARG A 45 13.97 18.27 -24.51
CA ARG A 45 12.56 18.22 -24.17
C ARG A 45 11.72 18.45 -25.41
N ILE A 46 10.61 17.73 -25.50
CA ILE A 46 9.57 17.96 -26.49
C ILE A 46 8.26 18.03 -25.73
N GLY A 47 7.31 18.81 -26.23
CA GLY A 47 6.07 18.91 -25.49
C GLY A 47 5.14 19.96 -26.06
N HIS A 48 4.37 20.57 -25.16
CA HIS A 48 3.34 21.53 -25.53
C HIS A 48 3.07 22.38 -24.30
N ARG A 49 3.04 23.70 -24.48
CA ARG A 49 2.83 24.63 -23.37
C ARG A 49 3.75 24.29 -22.18
N GLN A 50 5.02 23.99 -22.48
CA GLN A 50 5.91 23.46 -21.47
C GLN A 50 6.18 24.46 -20.34
N ASP A 51 6.03 25.75 -20.61
CA ASP A 51 6.38 26.78 -19.64
C ASP A 51 5.18 27.62 -19.20
N GLU A 52 3.97 27.10 -19.39
CA GLU A 52 2.77 27.70 -18.83
C GLU A 52 2.47 27.09 -17.46
N ARG A 53 1.88 27.91 -16.59
CA ARG A 53 1.53 27.44 -15.25
C ARG A 53 0.22 26.65 -15.27
N PHE A 54 0.21 25.58 -14.48
CA PHE A 54 -0.94 24.73 -14.24
C PHE A 54 -0.99 24.45 -12.74
N PRO A 55 -2.17 24.15 -12.21
CA PRO A 55 -2.27 23.78 -10.79
C PRO A 55 -1.64 22.43 -10.57
N MET A 56 -0.77 22.33 -9.55
CA MET A 56 -0.19 21.03 -9.23
C MET A 56 -1.24 20.05 -8.76
N CYS A 57 -2.24 20.52 -8.03
CA CYS A 57 -3.14 19.63 -7.29
C CYS A 57 -2.27 18.58 -6.56
N SER A 58 -2.68 17.35 -6.51
CA SER A 58 -1.96 16.32 -5.78
C SER A 58 -0.59 16.04 -6.23
N THR A 59 -0.19 16.50 -7.38
CA THR A 59 1.18 16.19 -7.85
C THR A 59 2.25 16.80 -6.94
N PHE A 60 1.90 17.85 -6.19
CA PHE A 60 2.88 18.43 -5.28
C PHE A 60 3.33 17.43 -4.22
N LYS A 61 2.53 16.40 -3.95
CA LYS A 61 2.85 15.47 -2.86
C LYS A 61 4.18 14.77 -3.09
N SER A 62 4.57 14.59 -4.36
CA SER A 62 5.88 14.04 -4.66
C SER A 62 6.99 14.86 -4.00
N MET A 63 6.84 16.19 -4.03
CA MET A 63 7.85 17.07 -3.46
C MET A 63 7.67 17.33 -1.97
N LEU A 64 6.47 17.17 -1.43
CA LEU A 64 6.31 17.14 0.02
C LEU A 64 7.06 15.94 0.60
N ALA A 65 6.88 14.77 0.00
CA ALA A 65 7.62 13.59 0.45
C ALA A 65 9.13 13.81 0.33
N ALA A 66 9.56 14.44 -0.78
CA ALA A 66 10.98 14.74 -0.94
C ALA A 66 11.48 15.68 0.14
N THR A 67 10.66 16.65 0.53
CA THR A 67 11.05 17.57 1.60
C THR A 67 11.24 16.83 2.91
N VAL A 68 10.33 15.89 3.21
CA VAL A 68 10.46 15.05 4.40
C VAL A 68 11.77 14.27 4.36
N LEU A 69 12.02 13.59 3.24
CA LEU A 69 13.23 12.78 3.12
C LEU A 69 14.48 13.63 3.29
N SER A 70 14.48 14.83 2.69
CA SER A 70 15.62 15.73 2.82
C SER A 70 15.83 16.14 4.27
N GLN A 71 14.75 16.50 4.97
CA GLN A 71 14.88 16.85 6.38
C GLN A 71 15.39 15.67 7.19
N ALA A 72 14.96 14.46 6.86
CA ALA A 72 15.38 13.28 7.61
C ALA A 72 16.89 13.05 7.48
N GLU A 73 17.49 13.51 6.39
CA GLU A 73 18.93 13.34 6.23
C GLU A 73 19.72 14.13 7.27
N ARG A 74 19.13 15.17 7.86
CA ARG A 74 19.78 15.93 8.92
C ARG A 74 19.07 15.81 10.27
N MET A 75 18.01 15.01 10.36
CA MET A 75 17.28 14.80 11.61
C MET A 75 17.15 13.29 11.76
N PRO A 76 18.11 12.67 12.45
CA PRO A 76 18.09 11.21 12.57
C PRO A 76 16.75 10.73 13.13
N ALA A 77 16.24 9.65 12.55
CA ALA A 77 15.04 8.97 13.01
C ALA A 77 13.74 9.75 12.75
N LEU A 78 13.80 10.86 12.02
CA LEU A 78 12.57 11.56 11.67
C LEU A 78 11.55 10.65 11.01
N LEU A 79 12.00 9.77 10.11
CA LEU A 79 11.06 8.90 9.40
C LEU A 79 10.36 7.92 10.33
N ASP A 80 10.97 7.61 11.47
CA ASP A 80 10.35 6.71 12.45
C ASP A 80 9.48 7.45 13.47
N ARG A 81 9.49 8.78 13.47
CA ARG A 81 8.67 9.52 14.40
C ARG A 81 7.20 9.23 14.15
N ARG A 82 6.43 9.10 15.21
CA ARG A 82 5.00 8.85 15.10
C ARG A 82 4.22 10.14 15.29
N VAL A 83 3.22 10.33 14.43
CA VAL A 83 2.44 11.54 14.36
C VAL A 83 0.99 11.16 14.65
N PRO A 84 0.33 11.78 15.64
CA PRO A 84 -1.06 11.44 15.90
C PRO A 84 -1.95 11.78 14.73
N VAL A 85 -2.91 10.90 14.46
CA VAL A 85 -3.98 11.15 13.49
C VAL A 85 -5.23 11.41 14.30
N GLY A 86 -5.68 12.65 14.30
CA GLY A 86 -6.87 13.04 15.04
C GLY A 86 -8.11 13.06 14.17
N GLU A 87 -9.24 12.89 14.77
CA GLU A 87 -10.48 12.95 14.09
C GLU A 87 -10.59 14.30 13.35
N ALA A 88 -10.11 15.39 13.97
CA ALA A 88 -10.17 16.72 13.36
C ALA A 88 -9.24 16.86 12.16
N ASP A 89 -8.26 15.96 12.01
CA ASP A 89 -7.38 15.99 10.85
C ASP A 89 -7.99 15.33 9.62
N LEU A 90 -9.03 14.52 9.80
CA LEU A 90 -9.52 13.70 8.70
C LEU A 90 -10.29 14.54 7.70
N LEU A 91 -10.03 14.29 6.42
CA LEU A 91 -10.69 14.92 5.29
C LEU A 91 -11.45 13.86 4.51
N SER A 92 -12.21 14.31 3.51
CA SER A 92 -12.99 13.38 2.71
C SER A 92 -12.12 12.31 2.05
N HIS A 93 -10.95 12.70 1.57
CA HIS A 93 -10.03 11.74 0.94
C HIS A 93 -8.91 11.43 1.92
N ALA A 94 -9.07 10.34 2.67
CA ALA A 94 -8.10 9.91 3.68
C ALA A 94 -8.08 8.39 3.73
N PRO A 95 -7.77 7.73 2.60
CA PRO A 95 -7.96 6.27 2.54
C PRO A 95 -7.13 5.48 3.51
N VAL A 96 -5.90 5.91 3.80
CA VAL A 96 -5.06 5.19 4.75
C VAL A 96 -5.26 5.71 6.16
N THR A 97 -5.16 7.03 6.34
CA THR A 97 -5.20 7.62 7.68
C THR A 97 -6.54 7.42 8.37
N ARG A 98 -7.64 7.22 7.63
CA ARG A 98 -8.94 6.99 8.27
C ARG A 98 -8.91 5.79 9.20
N ARG A 99 -8.04 4.81 8.94
CA ARG A 99 -7.98 3.63 9.79
C ARG A 99 -7.21 3.86 11.08
N HIS A 100 -6.55 5.01 11.20
CA HIS A 100 -5.66 5.29 12.32
C HIS A 100 -6.14 6.48 13.15
N ALA A 101 -7.38 6.90 12.98
CA ALA A 101 -7.91 7.99 13.78
C ALA A 101 -7.89 7.58 15.24
N GLY A 102 -7.34 8.44 16.10
CA GLY A 102 -7.21 8.13 17.50
C GLY A 102 -5.93 7.41 17.88
N LYS A 103 -5.08 7.08 16.90
CA LYS A 103 -3.76 6.53 17.17
C LYS A 103 -2.77 7.35 16.34
N ASP A 104 -1.61 6.77 16.03
CA ASP A 104 -0.58 7.51 15.29
C ASP A 104 -0.01 6.65 14.17
N MET A 105 0.81 7.29 13.32
CA MET A 105 1.46 6.64 12.19
C MET A 105 2.86 7.20 12.06
N THR A 106 3.78 6.39 11.55
CA THR A 106 5.12 6.91 11.33
C THR A 106 5.13 7.93 10.19
N VAL A 107 6.09 8.85 10.27
CA VAL A 107 6.30 9.80 9.18
C VAL A 107 6.51 9.07 7.86
N ARG A 108 7.31 7.99 7.87
CA ARG A 108 7.55 7.22 6.66
C ARG A 108 6.26 6.66 6.07
N ASP A 109 5.38 6.14 6.93
CA ASP A 109 4.13 5.58 6.42
C ASP A 109 3.18 6.67 5.94
N LEU A 110 3.23 7.86 6.56
CA LEU A 110 2.45 8.98 6.03
C LEU A 110 2.93 9.38 4.64
N CYS A 111 4.26 9.37 4.41
CA CYS A 111 4.79 9.67 3.09
C CYS A 111 4.30 8.67 2.07
N ARG A 112 4.41 7.39 2.38
CA ARG A 112 3.93 6.37 1.46
C ARG A 112 2.46 6.60 1.14
N ALA A 113 1.64 6.81 2.17
CA ALA A 113 0.21 6.98 1.94
C ALA A 113 -0.08 8.17 1.04
N THR A 114 0.61 9.28 1.25
CA THR A 114 0.29 10.45 0.46
C THR A 114 0.71 10.30 -1.00
N ILE A 115 1.76 9.53 -1.28
CA ILE A 115 2.15 9.28 -2.67
C ILE A 115 1.21 8.28 -3.33
N ILE A 116 1.08 7.09 -2.73
CA ILE A 116 0.49 5.99 -3.49
C ILE A 116 -1.04 5.98 -3.48
N THR A 117 -1.67 6.58 -2.47
CA THR A 117 -3.12 6.73 -2.41
C THR A 117 -3.56 8.19 -2.49
N SER A 118 -2.62 9.13 -2.46
CA SER A 118 -2.90 10.56 -2.52
C SER A 118 -3.67 11.05 -1.29
N ASP A 119 -3.52 10.34 -0.16
CA ASP A 119 -4.23 10.66 1.09
C ASP A 119 -4.02 12.13 1.48
N ASN A 120 -5.13 12.89 1.59
CA ASN A 120 -5.02 14.32 1.86
C ASN A 120 -4.68 14.61 3.31
N THR A 121 -5.23 13.82 4.24
CA THR A 121 -4.90 14.00 5.64
C THR A 121 -3.43 13.72 5.88
N ALA A 122 -2.88 12.67 5.26
CA ALA A 122 -1.46 12.40 5.41
C ALA A 122 -0.62 13.60 4.95
N ALA A 123 -1.03 14.24 3.84
CA ALA A 123 -0.30 15.40 3.36
C ALA A 123 -0.32 16.53 4.39
N ASN A 124 -1.48 16.82 4.97
CA ASN A 124 -1.54 17.90 5.93
C ASN A 124 -0.70 17.58 7.17
N LEU A 125 -0.71 16.33 7.63
CA LEU A 125 0.12 15.97 8.77
C LEU A 125 1.60 16.14 8.46
N LEU A 126 2.01 15.78 7.23
CA LEU A 126 3.40 15.97 6.85
C LEU A 126 3.74 17.44 6.69
N PHE A 127 2.82 18.24 6.16
CA PHE A 127 3.04 19.69 6.19
C PHE A 127 3.39 20.16 7.60
N GLY A 128 2.67 19.67 8.61
CA GLY A 128 2.95 20.07 9.98
C GLY A 128 4.33 19.63 10.44
N VAL A 129 4.79 18.47 9.98
CA VAL A 129 6.12 17.98 10.35
C VAL A 129 7.21 18.87 9.77
N VAL A 130 7.08 19.26 8.49
CA VAL A 130 8.20 19.89 7.79
C VAL A 130 8.24 21.41 7.91
N GLY A 131 7.16 22.04 8.38
CA GLY A 131 7.06 23.47 8.40
C GLY A 131 6.20 24.08 7.31
N GLY A 132 5.26 23.33 6.76
CA GLY A 132 4.23 23.89 5.93
C GLY A 132 4.64 24.15 4.50
N PRO A 133 3.74 24.73 3.72
CA PRO A 133 4.05 25.05 2.32
C PRO A 133 5.35 25.83 2.17
N PRO A 134 5.66 26.77 3.07
CA PRO A 134 6.93 27.51 2.91
C PRO A 134 8.14 26.59 2.93
N ALA A 135 8.10 25.51 3.70
CA ALA A 135 9.25 24.60 3.75
C ALA A 135 9.36 23.79 2.46
N VAL A 136 8.22 23.42 1.87
CA VAL A 136 8.26 22.72 0.59
C VAL A 136 8.78 23.65 -0.50
N THR A 137 8.31 24.91 -0.51
CA THR A 137 8.84 25.86 -1.48
C THR A 137 10.33 26.08 -1.27
N ALA A 138 10.77 26.22 -0.02
CA ALA A 138 12.20 26.41 0.24
C ALA A 138 13.01 25.22 -0.28
N PHE A 139 12.49 24.00 -0.08
CA PHE A 139 13.16 22.82 -0.63
C PHE A 139 13.24 22.89 -2.14
N LEU A 140 12.12 23.26 -2.79
CA LEU A 140 12.13 23.38 -4.25
C LEU A 140 13.18 24.39 -4.72
N ARG A 141 13.21 25.57 -4.09
CA ARG A 141 14.19 26.57 -4.48
C ARG A 141 15.61 26.07 -4.29
N ALA A 142 15.88 25.44 -3.14
CA ALA A 142 17.23 24.96 -2.87
C ALA A 142 17.64 23.90 -3.87
N SER A 143 16.69 23.12 -4.38
CA SER A 143 16.97 22.09 -5.38
C SER A 143 17.20 22.65 -6.76
N GLY A 144 16.91 23.93 -6.99
CA GLY A 144 17.10 24.56 -8.28
C GLY A 144 15.84 24.87 -9.05
N ASP A 145 14.66 24.72 -8.44
CA ASP A 145 13.38 25.00 -9.09
C ASP A 145 12.91 26.36 -8.56
N THR A 146 12.95 27.37 -9.44
CA THR A 146 12.52 28.73 -9.13
C THR A 146 11.08 29.00 -9.54
N VAL A 147 10.39 28.01 -10.09
CA VAL A 147 9.08 28.19 -10.69
C VAL A 147 7.97 27.56 -9.85
N SER A 148 8.12 26.28 -9.51
CA SER A 148 7.10 25.59 -8.73
C SER A 148 6.98 26.21 -7.35
N ARG A 149 5.76 26.23 -6.81
CA ARG A 149 5.56 26.83 -5.50
C ARG A 149 4.41 26.15 -4.77
N SER A 150 4.65 25.87 -3.49
CA SER A 150 3.64 25.34 -2.58
C SER A 150 3.20 26.45 -1.63
N ASP A 151 1.89 26.68 -1.54
CA ASP A 151 1.38 27.83 -0.82
C ASP A 151 0.32 27.50 0.22
N ARG A 152 -0.51 26.49 -0.05
CA ARG A 152 -1.68 26.22 0.79
C ARG A 152 -1.70 24.77 1.25
N LEU A 153 -2.54 24.50 2.23
CA LEU A 153 -2.79 23.16 2.73
C LEU A 153 -3.91 22.48 1.94
N GLU A 154 -4.14 21.21 2.24
CA GLU A 154 -5.29 20.50 1.68
C GLU A 154 -6.54 20.91 2.43
N PRO A 155 -7.67 21.08 1.71
CA PRO A 155 -7.82 20.86 0.27
C PRO A 155 -7.73 22.14 -0.56
N GLU A 156 -7.49 23.28 0.10
CA GLU A 156 -7.53 24.57 -0.60
C GLU A 156 -6.48 24.67 -1.70
N LEU A 157 -5.37 23.93 -1.58
CA LEU A 157 -4.29 24.05 -2.54
C LEU A 157 -4.69 23.62 -3.95
N ASN A 158 -5.78 22.87 -4.09
CA ASN A 158 -6.19 22.36 -5.40
C ASN A 158 -6.94 23.37 -6.23
N SER A 159 -7.23 24.52 -5.68
CA SER A 159 -7.86 25.55 -6.46
C SER A 159 -6.94 26.09 -7.56
N PHE A 160 -7.54 26.64 -8.57
CA PHE A 160 -6.77 27.30 -9.59
C PHE A 160 -7.55 28.51 -10.08
N ALA A 161 -6.82 29.59 -10.33
CA ALA A 161 -7.38 30.77 -10.98
C ALA A 161 -6.33 31.28 -11.96
N LYS A 162 -6.77 31.59 -13.17
CA LYS A 162 -5.86 32.12 -14.16
C LYS A 162 -5.16 33.36 -13.61
N GLY A 163 -3.84 33.39 -13.72
CA GLY A 163 -3.06 34.49 -13.17
C GLY A 163 -2.76 34.38 -11.69
N ASP A 164 -3.34 33.42 -10.99
CA ASP A 164 -3.04 33.19 -9.58
C ASP A 164 -2.00 32.08 -9.54
N PRO A 165 -0.75 32.36 -9.17
CA PRO A 165 0.30 31.35 -9.26
C PRO A 165 0.40 30.43 -8.05
N ARG A 166 -0.49 30.55 -7.07
CA ARG A 166 -0.35 29.70 -5.89
C ARG A 166 -0.48 28.23 -6.25
N ASP A 167 0.42 27.41 -5.71
CA ASP A 167 0.34 25.94 -5.84
C ASP A 167 0.41 25.51 -7.30
N THR A 168 1.19 26.24 -8.10
CA THR A 168 1.35 25.91 -9.50
C THR A 168 2.75 25.43 -9.82
N THR A 169 2.87 24.80 -10.98
CA THR A 169 4.15 24.47 -11.59
C THR A 169 4.00 24.68 -13.09
N THR A 170 5.07 24.41 -13.83
CA THR A 170 4.97 24.26 -15.28
C THR A 170 5.40 22.84 -15.63
N PRO A 171 4.94 22.32 -16.76
CA PRO A 171 5.40 20.96 -17.15
C PRO A 171 6.91 20.84 -17.17
N ALA A 172 7.62 21.86 -17.66
CA ALA A 172 9.07 21.77 -17.77
C ALA A 172 9.74 21.90 -16.41
N ALA A 173 9.25 22.79 -15.56
CA ALA A 173 9.84 22.92 -14.23
C ALA A 173 9.68 21.63 -13.43
N MET A 174 8.48 21.03 -13.48
CA MET A 174 8.27 19.80 -12.73
C MET A 174 9.08 18.65 -13.33
N ALA A 175 9.22 18.60 -14.66
CA ALA A 175 10.04 17.55 -15.26
C ALA A 175 11.48 17.65 -14.78
N ALA A 176 12.05 18.86 -14.82
CA ALA A 176 13.42 19.05 -14.36
C ALA A 176 13.55 18.71 -12.88
N THR A 177 12.55 19.08 -12.08
CA THR A 177 12.60 18.77 -10.66
C THR A 177 12.53 17.27 -10.40
N LEU A 178 11.66 16.55 -11.12
CA LEU A 178 11.64 15.10 -10.98
C LEU A 178 13.01 14.51 -11.31
N GLN A 179 13.65 15.02 -12.36
CA GLN A 179 14.99 14.52 -12.68
C GLN A 179 15.95 14.78 -11.52
N ARG A 180 16.02 16.03 -11.04
CA ARG A 180 17.01 16.36 -10.02
C ARG A 180 16.76 15.60 -8.73
N VAL A 181 15.49 15.41 -8.37
CA VAL A 181 15.13 14.87 -7.07
C VAL A 181 15.00 13.35 -7.08
N VAL A 182 14.35 12.79 -8.11
CA VAL A 182 14.15 11.35 -8.13
C VAL A 182 15.35 10.62 -8.72
N LEU A 183 16.08 11.26 -9.64
CA LEU A 183 17.19 10.62 -10.32
C LEU A 183 18.56 11.21 -9.98
N GLY A 184 18.60 12.49 -9.60
CA GLY A 184 19.84 13.22 -9.39
C GLY A 184 20.32 13.19 -7.95
N GLU A 185 21.01 14.26 -7.57
CA GLU A 185 21.76 14.27 -6.31
C GLU A 185 21.20 15.26 -5.28
N VAL A 186 19.94 15.67 -5.42
CA VAL A 186 19.33 16.52 -4.40
C VAL A 186 19.22 15.77 -3.08
N LEU A 187 18.84 14.49 -3.13
CA LEU A 187 18.72 13.63 -1.98
C LEU A 187 19.87 12.62 -1.99
N GLN A 188 20.15 12.06 -0.80
CA GLN A 188 21.11 10.98 -0.73
C GLN A 188 20.55 9.76 -1.45
N PRO A 189 21.43 8.84 -1.89
CA PRO A 189 20.94 7.69 -2.68
C PRO A 189 19.80 6.91 -2.03
N ALA A 190 19.91 6.56 -0.76
CA ALA A 190 18.85 5.79 -0.13
C ALA A 190 17.55 6.57 -0.09
N SER A 191 17.63 7.90 0.07
CA SER A 191 16.43 8.73 0.10
C SER A 191 15.76 8.77 -1.27
N ARG A 192 16.55 9.01 -2.32
N ARG A 192 16.53 9.02 -2.33
CA ARG A 192 15.96 9.07 -3.66
CA ARG A 192 15.91 9.07 -3.64
C ARG A 192 15.41 7.71 -4.09
C ARG A 192 15.38 7.70 -4.07
N GLN A 193 16.07 6.63 -3.69
CA GLN A 193 15.55 5.31 -4.02
C GLN A 193 14.22 5.04 -3.32
N GLN A 194 14.10 5.47 -2.05
CA GLN A 194 12.82 5.32 -1.36
C GLN A 194 11.71 6.09 -2.07
N LEU A 195 12.00 7.33 -2.50
CA LEU A 195 11.01 8.13 -3.20
C LEU A 195 10.64 7.49 -4.54
N ALA A 196 11.64 7.04 -5.30
CA ALA A 196 11.38 6.34 -6.55
C ALA A 196 10.46 5.15 -6.32
N ASP A 197 10.70 4.38 -5.25
CA ASP A 197 9.89 3.20 -4.99
C ASP A 197 8.44 3.57 -4.70
N TRP A 198 8.21 4.65 -3.94
CA TRP A 198 6.85 5.11 -3.69
C TRP A 198 6.16 5.46 -5.00
N LEU A 199 6.86 6.20 -5.89
CA LEU A 199 6.26 6.53 -7.18
C LEU A 199 5.99 5.29 -8.02
N ILE A 200 6.92 4.32 -8.00
CA ILE A 200 6.70 3.07 -8.73
C ILE A 200 5.45 2.36 -8.23
N ASP A 201 5.19 2.44 -6.92
CA ASP A 201 4.06 1.76 -6.27
C ASP A 201 2.75 2.55 -6.36
N ASN A 202 2.70 3.67 -7.06
CA ASN A 202 1.47 4.46 -7.06
C ASN A 202 0.29 3.63 -7.54
N GLU A 203 -0.87 3.83 -6.90
CA GLU A 203 -2.07 3.06 -7.19
C GLU A 203 -3.14 3.83 -7.92
N THR A 204 -2.96 5.13 -8.12
CA THR A 204 -4.02 5.99 -8.62
C THR A 204 -3.91 6.30 -10.11
N GLY A 205 -2.87 5.81 -10.80
CA GLY A 205 -2.63 6.24 -12.16
C GLY A 205 -2.84 5.19 -13.24
N ASP A 206 -3.58 4.11 -12.95
CA ASP A 206 -3.67 3.00 -13.90
C ASP A 206 -4.33 3.42 -15.21
N ALA A 207 -5.20 4.42 -15.19
CA ALA A 207 -5.92 4.85 -16.38
C ALA A 207 -5.29 6.06 -17.05
N CYS A 208 -4.18 6.56 -16.53
CA CYS A 208 -3.58 7.81 -16.99
C CYS A 208 -2.34 7.49 -17.83
N LEU A 209 -1.17 8.07 -17.55
CA LEU A 209 -0.02 7.84 -18.42
C LEU A 209 0.30 6.36 -18.57
N ARG A 210 0.21 5.60 -17.48
CA ARG A 210 0.54 4.17 -17.52
C ARG A 210 -0.25 3.43 -18.59
N ALA A 211 -1.51 3.82 -18.79
CA ALA A 211 -2.37 3.11 -19.74
C ALA A 211 -1.90 3.29 -21.17
N GLY A 212 -1.10 4.32 -21.45
CA GLY A 212 -0.58 4.55 -22.78
C GLY A 212 0.86 4.14 -23.01
N LEU A 213 1.56 3.66 -21.98
CA LEU A 213 2.98 3.35 -22.04
C LEU A 213 3.18 1.84 -22.13
N GLY A 214 4.05 1.40 -23.05
CA GLY A 214 4.27 -0.01 -23.24
C GLY A 214 5.09 -0.63 -22.12
N LYS A 215 5.16 -1.97 -22.18
CA LYS A 215 5.80 -2.75 -21.12
C LYS A 215 7.30 -2.53 -21.04
N ARG A 216 7.90 -1.86 -22.03
CA ARG A 216 9.32 -1.60 -21.97
C ARG A 216 9.69 -0.59 -20.88
N TRP A 217 8.72 0.06 -20.26
CA TRP A 217 8.97 1.06 -19.22
C TRP A 217 8.52 0.54 -17.86
N ARG A 218 9.39 0.70 -16.87
CA ARG A 218 8.99 0.70 -15.47
C ARG A 218 8.60 2.13 -15.12
N VAL A 219 7.37 2.33 -14.65
CA VAL A 219 6.82 3.67 -14.46
C VAL A 219 6.68 3.96 -12.97
N GLY A 220 7.12 5.14 -12.56
CA GLY A 220 6.70 5.72 -11.28
C GLY A 220 5.93 6.99 -11.59
N ASP A 221 4.83 7.22 -10.86
CA ASP A 221 4.04 8.41 -11.19
C ASP A 221 3.30 8.93 -9.97
N LYS A 222 2.80 10.17 -10.11
CA LYS A 222 1.90 10.79 -9.15
C LYS A 222 0.83 11.55 -9.93
N THR A 223 -0.43 11.30 -9.61
CA THR A 223 -1.54 11.97 -10.28
C THR A 223 -2.04 13.14 -9.46
N GLY A 224 -2.94 13.91 -10.08
CA GLY A 224 -3.68 14.92 -9.35
C GLY A 224 -4.90 15.33 -10.12
N SER A 225 -5.81 16.01 -9.43
CA SER A 225 -7.02 16.48 -10.09
C SER A 225 -7.72 17.49 -9.19
N ASN A 226 -8.68 18.21 -9.77
CA ASN A 226 -9.65 18.92 -8.96
C ASN A 226 -11.03 18.70 -9.57
N GLY A 227 -12.06 19.18 -8.88
CA GLY A 227 -13.42 18.93 -9.32
C GLY A 227 -13.91 19.80 -10.46
N GLU A 228 -13.17 20.79 -10.83
CA GLU A 228 -13.59 21.65 -11.91
C GLU A 228 -13.13 21.18 -13.27
N ASP A 229 -11.83 21.09 -13.49
CA ASP A 229 -11.38 20.72 -14.82
C ASP A 229 -9.99 20.11 -14.89
N ALA A 230 -9.28 19.99 -13.77
CA ALA A 230 -7.86 19.64 -13.80
C ALA A 230 -7.66 18.14 -13.64
N ARG A 231 -6.75 17.58 -14.41
CA ARG A 231 -6.32 16.18 -14.27
C ARG A 231 -4.86 16.13 -14.72
N ASN A 232 -3.99 15.65 -13.83
CA ASN A 232 -2.56 15.70 -14.03
C ASN A 232 -1.94 14.34 -13.76
N ASP A 233 -0.79 14.10 -14.37
CA ASP A 233 0.00 12.92 -14.06
C ASP A 233 1.44 13.24 -14.39
N ILE A 234 2.35 12.97 -13.47
CA ILE A 234 3.77 13.19 -13.69
C ILE A 234 4.49 11.87 -13.43
N ALA A 235 5.45 11.55 -14.29
CA ALA A 235 5.99 10.20 -14.29
C ALA A 235 7.49 10.18 -14.59
N VAL A 236 8.15 9.19 -14.02
CA VAL A 236 9.51 8.81 -14.42
C VAL A 236 9.41 7.46 -15.11
N LEU A 237 10.10 7.34 -16.24
CA LEU A 237 10.07 6.14 -17.08
C LEU A 237 11.47 5.55 -17.08
N TRP A 238 11.63 4.38 -16.46
CA TRP A 238 12.91 3.68 -16.50
C TRP A 238 12.83 2.58 -17.53
N PRO A 239 13.75 2.51 -18.50
CA PRO A 239 13.72 1.39 -19.45
C PRO A 239 14.13 0.09 -18.76
N VAL A 240 13.27 -0.92 -18.86
CA VAL A 240 13.55 -2.18 -18.18
C VAL A 240 14.80 -2.83 -18.74
N ALA A 241 15.11 -2.57 -20.01
CA ALA A 241 16.31 -3.11 -20.65
C ALA A 241 17.56 -2.33 -20.32
N GLY A 242 17.47 -1.29 -19.49
CA GLY A 242 18.59 -0.42 -19.21
C GLY A 242 18.66 0.77 -20.14
N GLY A 243 19.40 1.78 -19.70
CA GLY A 243 19.55 3.02 -20.42
C GLY A 243 19.04 4.18 -19.59
N ALA A 244 19.09 5.36 -20.20
CA ALA A 244 18.74 6.57 -19.49
C ALA A 244 17.22 6.67 -19.28
N PRO A 245 16.77 7.08 -18.10
CA PRO A 245 15.34 7.30 -17.92
C PRO A 245 14.83 8.50 -18.71
N TRP A 246 13.52 8.54 -18.86
CA TRP A 246 12.82 9.70 -19.38
C TRP A 246 11.88 10.20 -18.29
N VAL A 247 11.52 11.47 -18.38
CA VAL A 247 10.54 12.08 -17.48
C VAL A 247 9.41 12.61 -18.34
N LEU A 248 8.17 12.38 -17.90
CA LEU A 248 7.00 12.77 -18.67
C LEU A 248 6.03 13.44 -17.71
N THR A 249 5.80 14.74 -17.90
CA THR A 249 4.82 15.45 -17.10
C THR A 249 3.65 15.86 -17.97
N ALA A 250 2.45 15.78 -17.41
CA ALA A 250 1.22 16.07 -18.15
C ALA A 250 0.23 16.76 -17.24
N TYR A 251 -0.13 17.99 -17.59
CA TYR A 251 -1.08 18.80 -16.84
C TYR A 251 -2.21 19.17 -17.79
N LEU A 252 -3.44 18.85 -17.42
CA LEU A 252 -4.58 19.10 -18.29
C LEU A 252 -5.64 19.90 -17.56
N GLN A 253 -6.21 20.88 -18.25
CA GLN A 253 -7.49 21.46 -17.85
C GLN A 253 -8.45 21.28 -19.01
N ALA A 254 -9.55 20.57 -18.75
CA ALA A 254 -10.47 20.27 -19.85
C ALA A 254 -11.87 20.11 -19.24
N GLY A 255 -12.51 21.26 -19.01
CA GLY A 255 -13.81 21.23 -18.37
C GLY A 255 -14.94 20.75 -19.25
N ALA A 256 -14.74 20.69 -20.56
CA ALA A 256 -15.81 20.28 -21.47
C ALA A 256 -15.94 18.77 -21.60
N ILE A 257 -15.01 18.02 -21.03
CA ILE A 257 -15.05 16.56 -21.07
C ILE A 257 -15.17 16.03 -19.64
N SER A 258 -15.47 14.75 -19.52
CA SER A 258 -15.69 14.13 -18.22
C SER A 258 -14.36 13.77 -17.56
N TYR A 259 -14.44 13.48 -16.25
CA TYR A 259 -13.29 13.00 -15.50
C TYR A 259 -12.64 11.80 -16.18
N GLU A 260 -13.45 10.83 -16.59
CA GLU A 260 -12.93 9.64 -17.24
C GLU A 260 -12.29 9.98 -18.59
N GLN A 261 -12.88 10.92 -19.33
CA GLN A 261 -12.26 11.36 -20.58
C GLN A 261 -10.94 12.07 -20.34
N ARG A 262 -10.80 12.77 -19.21
CA ARG A 262 -9.51 13.38 -18.89
C ARG A 262 -8.43 12.33 -18.71
N ALA A 263 -8.77 11.21 -18.07
CA ALA A 263 -7.83 10.09 -18.01
C ALA A 263 -7.46 9.62 -19.41
N SER A 264 -8.46 9.51 -20.30
N SER A 264 -8.46 9.52 -20.30
CA SER A 264 -8.17 9.07 -21.66
CA SER A 264 -8.15 9.07 -21.66
C SER A 264 -7.17 10.01 -22.34
C SER A 264 -7.22 10.02 -22.39
N VAL A 265 -7.30 11.32 -22.10
CA VAL A 265 -6.36 12.27 -22.66
C VAL A 265 -4.95 11.99 -22.15
N LEU A 266 -4.81 11.75 -20.84
CA LEU A 266 -3.49 11.47 -20.28
C LEU A 266 -2.93 10.16 -20.80
N ALA A 267 -3.77 9.14 -20.96
CA ALA A 267 -3.30 7.90 -21.58
C ALA A 267 -2.80 8.16 -22.99
N GLN A 268 -3.50 9.02 -23.75
CA GLN A 268 -3.06 9.35 -25.10
C GLN A 268 -1.76 10.12 -25.10
N VAL A 269 -1.52 10.98 -24.09
CA VAL A 269 -0.20 11.59 -23.92
C VAL A 269 0.86 10.50 -23.83
N GLY A 270 0.60 9.47 -23.04
CA GLY A 270 1.54 8.36 -22.93
C GLY A 270 1.79 7.65 -24.26
N ARG A 271 0.72 7.41 -25.04
CA ARG A 271 0.88 6.74 -26.33
C ARG A 271 1.71 7.58 -27.28
N ILE A 272 1.44 8.89 -27.33
CA ILE A 272 2.21 9.78 -28.19
C ILE A 272 3.67 9.80 -27.74
N ALA A 273 3.89 9.94 -26.44
CA ALA A 273 5.26 9.99 -25.91
C ALA A 273 6.03 8.71 -26.24
N ASP A 274 5.40 7.54 -26.03
CA ASP A 274 6.07 6.28 -26.31
C ASP A 274 6.52 6.22 -27.78
N ARG A 275 5.69 6.69 -28.68
CA ARG A 275 6.00 6.73 -30.10
C ARG A 275 7.12 7.71 -30.40
N LEU A 276 7.13 8.84 -29.73
CA LEU A 276 8.17 9.85 -29.96
C LEU A 276 9.53 9.37 -29.45
N ILE A 277 9.54 8.53 -28.42
CA ILE A 277 10.79 7.96 -27.94
C ILE A 277 11.30 6.94 -28.94
N GLY A 278 10.40 6.09 -29.44
CA GLY A 278 10.68 5.19 -30.53
C GLY A 278 11.69 4.15 -30.10
N ALA B 10 -28.73 -18.09 -2.37
CA ALA B 10 -28.67 -19.55 -2.39
C ALA B 10 -28.86 -20.09 -0.98
N PRO B 11 -29.37 -21.32 -0.86
CA PRO B 11 -29.56 -21.90 0.48
C PRO B 11 -28.30 -21.88 1.32
N THR B 12 -27.15 -22.19 0.73
CA THR B 12 -25.90 -22.13 1.49
C THR B 12 -25.63 -20.72 2.01
N ASP B 13 -25.86 -19.71 1.16
CA ASP B 13 -25.66 -18.33 1.61
C ASP B 13 -26.56 -18.01 2.80
N ALA B 14 -27.84 -18.37 2.70
CA ALA B 14 -28.77 -18.11 3.80
C ALA B 14 -28.40 -18.91 5.03
N ALA B 15 -27.96 -20.17 4.85
CA ALA B 15 -27.61 -20.98 6.00
C ALA B 15 -26.43 -20.40 6.75
N ILE B 16 -25.46 -19.86 6.02
CA ILE B 16 -24.30 -19.21 6.63
C ILE B 16 -24.75 -18.00 7.46
N THR B 17 -25.60 -17.17 6.88
CA THR B 17 -26.09 -15.99 7.59
C THR B 17 -26.89 -16.35 8.82
N ALA B 18 -27.63 -17.47 8.78
CA ALA B 18 -28.48 -17.87 9.89
C ALA B 18 -27.71 -18.57 11.02
N ALA B 19 -26.47 -18.97 10.79
CA ALA B 19 -25.72 -19.70 11.81
C ALA B 19 -25.37 -18.75 12.94
N SER B 20 -25.74 -19.10 14.16
CA SER B 20 -25.52 -18.23 15.30
C SER B 20 -24.43 -18.73 16.23
N ASP B 21 -23.84 -19.89 15.94
CA ASP B 21 -22.70 -20.37 16.70
C ASP B 21 -21.76 -21.06 15.73
N PHE B 22 -20.52 -21.24 16.19
CA PHE B 22 -19.48 -21.76 15.30
C PHE B 22 -19.81 -23.18 14.85
N ALA B 23 -20.35 -24.01 15.73
CA ALA B 23 -20.69 -25.38 15.34
C ALA B 23 -21.76 -25.40 14.24
N ALA B 24 -22.79 -24.55 14.37
CA ALA B 24 -23.84 -24.48 13.36
C ALA B 24 -23.30 -23.91 12.05
N LEU B 25 -22.36 -22.97 12.13
CA LEU B 25 -21.78 -22.40 10.92
C LEU B 25 -20.95 -23.45 10.19
N GLU B 26 -20.18 -24.24 10.92
CA GLU B 26 -19.44 -25.34 10.31
C GLU B 26 -20.41 -26.29 9.60
N LYS B 27 -21.50 -26.64 10.26
CA LYS B 27 -22.45 -27.58 9.66
C LYS B 27 -23.09 -26.96 8.41
N ALA B 28 -23.34 -25.64 8.44
CA ALA B 28 -23.99 -24.97 7.32
C ALA B 28 -23.18 -25.04 6.04
N CYS B 29 -21.85 -25.05 6.14
CA CYS B 29 -21.01 -25.10 4.95
C CYS B 29 -20.40 -26.47 4.74
N ALA B 30 -20.80 -27.46 5.55
CA ALA B 30 -20.28 -28.83 5.46
C ALA B 30 -18.76 -28.84 5.54
N GLY B 31 -18.21 -27.95 6.36
CA GLY B 31 -16.79 -27.74 6.43
C GLY B 31 -16.16 -28.19 7.74
N ARG B 32 -14.92 -27.74 7.94
CA ARG B 32 -14.20 -27.89 9.19
C ARG B 32 -13.71 -26.51 9.59
N LEU B 33 -14.17 -26.02 10.73
CA LEU B 33 -13.96 -24.64 11.16
C LEU B 33 -13.25 -24.63 12.50
N GLY B 34 -12.14 -23.90 12.57
CA GLY B 34 -11.41 -23.72 13.81
C GLY B 34 -11.38 -22.26 14.18
N VAL B 35 -11.89 -21.91 15.36
CA VAL B 35 -11.99 -20.52 15.80
C VAL B 35 -11.52 -20.41 17.24
N THR B 36 -10.74 -19.38 17.53
CA THR B 36 -10.52 -18.92 18.90
C THR B 36 -10.83 -17.44 18.99
N LEU B 37 -11.72 -17.09 19.92
CA LEU B 37 -11.95 -15.70 20.32
C LEU B 37 -11.33 -15.56 21.70
N LEU B 38 -10.32 -14.71 21.81
CA LEU B 38 -9.50 -14.59 23.02
C LEU B 38 -9.72 -13.21 23.63
N ASP B 39 -10.16 -13.19 24.89
CA ASP B 39 -10.33 -11.98 25.67
C ASP B 39 -8.99 -11.67 26.34
N THR B 40 -8.28 -10.64 25.87
CA THR B 40 -6.95 -10.41 26.42
C THR B 40 -6.98 -9.89 27.85
N ALA B 41 -8.09 -9.32 28.31
CA ALA B 41 -8.15 -8.86 29.69
C ALA B 41 -8.15 -10.03 30.67
N SER B 42 -8.84 -11.12 30.33
CA SER B 42 -9.05 -12.24 31.24
C SER B 42 -8.33 -13.51 30.81
N GLY B 43 -7.91 -13.63 29.55
CA GLY B 43 -7.42 -14.88 29.03
C GLY B 43 -8.48 -15.88 28.63
N ARG B 44 -9.74 -15.57 28.86
CA ARG B 44 -10.79 -16.51 28.54
C ARG B 44 -11.01 -16.63 27.03
N ARG B 45 -11.31 -17.83 26.61
CA ARG B 45 -11.47 -18.13 25.20
C ARG B 45 -12.80 -18.82 24.97
N ILE B 46 -13.39 -18.54 23.82
CA ILE B 46 -14.49 -19.33 23.30
C ILE B 46 -14.15 -19.65 21.85
N GLY B 47 -14.60 -20.81 21.39
CA GLY B 47 -14.29 -21.15 20.02
C GLY B 47 -14.74 -22.54 19.62
N HIS B 48 -14.03 -23.12 18.66
CA HIS B 48 -14.44 -24.37 18.05
C HIS B 48 -13.19 -25.01 17.45
N ARG B 49 -12.98 -26.29 17.73
CA ARG B 49 -11.79 -27.01 17.25
C ARG B 49 -10.52 -26.21 17.54
N GLN B 50 -10.45 -25.65 18.74
CA GLN B 50 -9.39 -24.70 19.06
C GLN B 50 -8.01 -25.32 19.03
N ASP B 51 -7.90 -26.64 19.22
CA ASP B 51 -6.60 -27.28 19.31
C ASP B 51 -6.36 -28.26 18.17
N GLU B 52 -7.15 -28.17 17.10
CA GLU B 52 -6.88 -28.95 15.90
C GLU B 52 -5.99 -28.17 14.95
N ARG B 53 -5.17 -28.90 14.19
CA ARG B 53 -4.27 -28.24 13.26
C ARG B 53 -4.97 -27.88 11.95
N PHE B 54 -4.63 -26.70 11.42
CA PHE B 54 -5.07 -26.20 10.13
C PHE B 54 -3.86 -25.61 9.41
N PRO B 55 -3.89 -25.57 8.08
CA PRO B 55 -2.79 -24.92 7.35
C PRO B 55 -2.83 -23.42 7.60
N MET B 56 -1.67 -22.84 7.92
CA MET B 56 -1.63 -21.39 8.08
C MET B 56 -1.91 -20.67 6.77
N CYS B 57 -1.44 -21.24 5.66
CA CYS B 57 -1.40 -20.53 4.39
C CYS B 57 -0.79 -19.14 4.65
N SER B 58 -1.28 -18.13 4.01
CA SER B 58 -0.70 -16.80 4.10
C SER B 58 -0.76 -16.19 5.49
N THR B 59 -1.53 -16.75 6.40
CA THR B 59 -1.54 -16.13 7.74
C THR B 59 -0.15 -16.19 8.41
N PHE B 60 0.70 -17.13 7.98
CA PHE B 60 2.04 -17.22 8.55
C PHE B 60 2.84 -15.96 8.31
N LYS B 61 2.48 -15.18 7.29
CA LYS B 61 3.26 -13.99 6.93
C LYS B 61 3.30 -12.99 8.08
N SER B 62 2.26 -12.99 8.94
CA SER B 62 2.31 -12.15 10.13
C SER B 62 3.54 -12.45 10.97
N MET B 63 3.89 -13.73 11.08
CA MET B 63 5.02 -14.13 11.91
C MET B 63 6.35 -14.09 11.16
N LEU B 64 6.33 -14.21 9.83
CA LEU B 64 7.52 -13.90 9.05
C LEU B 64 7.91 -12.44 9.22
N ALA B 65 6.95 -11.53 9.10
CA ALA B 65 7.25 -10.11 9.35
C ALA B 65 7.73 -9.90 10.77
N ALA B 66 7.12 -10.56 11.75
CA ALA B 66 7.58 -10.41 13.13
C ALA B 66 9.01 -10.90 13.27
N THR B 67 9.37 -11.99 12.58
CA THR B 67 10.73 -12.51 12.64
C THR B 67 11.72 -11.49 12.09
N VAL B 68 11.37 -10.85 10.97
CA VAL B 68 12.21 -9.79 10.41
C VAL B 68 12.37 -8.66 11.41
N LEU B 69 11.26 -8.19 11.99
CA LEU B 69 11.35 -7.08 12.92
C LEU B 69 12.20 -7.44 14.12
N SER B 70 12.07 -8.67 14.61
CA SER B 70 12.86 -9.11 15.76
C SER B 70 14.34 -9.13 15.42
N GLN B 71 14.69 -9.66 14.25
CA GLN B 71 16.08 -9.66 13.84
C GLN B 71 16.61 -8.23 13.69
N ALA B 72 15.77 -7.31 13.19
CA ALA B 72 16.21 -5.94 13.02
C ALA B 72 16.54 -5.28 14.35
N GLU B 73 15.92 -5.75 15.44
CA GLU B 73 16.23 -5.19 16.75
C GLU B 73 17.66 -5.47 17.18
N ARG B 74 18.30 -6.50 16.61
CA ARG B 74 19.70 -6.77 16.90
C ARG B 74 20.61 -6.56 15.70
N MET B 75 20.10 -6.05 14.57
CA MET B 75 20.87 -5.75 13.38
C MET B 75 20.41 -4.39 12.91
N PRO B 76 21.10 -3.38 13.37
CA PRO B 76 20.70 -2.02 13.02
C PRO B 76 20.64 -1.84 11.51
N ALA B 77 19.62 -1.13 11.06
CA ALA B 77 19.45 -0.79 9.66
C ALA B 77 19.04 -1.98 8.79
N LEU B 78 18.76 -3.14 9.38
CA LEU B 78 18.27 -4.26 8.58
C LEU B 78 17.03 -3.87 7.77
N LEU B 79 16.12 -3.09 8.37
CA LEU B 79 14.91 -2.73 7.66
C LEU B 79 15.16 -1.84 6.46
N ASP B 80 16.28 -1.10 6.45
CA ASP B 80 16.63 -0.26 5.32
C ASP B 80 17.46 -1.00 4.27
N ARG B 81 17.87 -2.20 4.53
CA ARG B 81 18.66 -2.96 3.59
C ARG B 81 17.83 -3.23 2.34
N ARG B 82 18.45 -3.18 1.18
CA ARG B 82 17.73 -3.44 -0.06
C ARG B 82 18.00 -4.85 -0.56
N VAL B 83 16.94 -5.49 -1.04
CA VAL B 83 16.97 -6.88 -1.46
C VAL B 83 16.64 -6.91 -2.95
N PRO B 84 17.49 -7.53 -3.79
CA PRO B 84 17.16 -7.60 -5.22
C PRO B 84 15.91 -8.41 -5.48
N VAL B 85 15.09 -7.93 -6.41
CA VAL B 85 13.95 -8.67 -6.93
C VAL B 85 14.31 -9.12 -8.32
N GLY B 86 14.51 -10.42 -8.51
CA GLY B 86 14.84 -10.98 -9.80
C GLY B 86 13.64 -11.53 -10.53
N GLU B 87 13.76 -11.59 -11.85
CA GLU B 87 12.73 -12.22 -12.67
C GLU B 87 12.41 -13.62 -12.15
N ALA B 88 13.44 -14.38 -11.77
CA ALA B 88 13.26 -15.74 -11.30
C ALA B 88 12.55 -15.82 -9.96
N ASP B 89 12.49 -14.71 -9.21
CA ASP B 89 11.79 -14.72 -7.93
C ASP B 89 10.28 -14.55 -8.09
N LEU B 90 9.83 -14.10 -9.25
CA LEU B 90 8.43 -13.74 -9.39
C LEU B 90 7.54 -14.99 -9.43
N LEU B 91 6.44 -14.92 -8.70
CA LEU B 91 5.42 -15.94 -8.64
C LEU B 91 4.11 -15.38 -9.18
N SER B 92 3.10 -16.25 -9.31
CA SER B 92 1.82 -15.81 -9.86
C SER B 92 1.22 -14.67 -9.05
N HIS B 93 1.31 -14.73 -7.73
CA HIS B 93 0.80 -13.68 -6.86
C HIS B 93 1.97 -12.85 -6.35
N ALA B 94 2.27 -11.75 -7.04
CA ALA B 94 3.39 -10.88 -6.69
C ALA B 94 3.00 -9.44 -7.01
N PRO B 95 1.92 -8.93 -6.44
CA PRO B 95 1.35 -7.66 -6.92
C PRO B 95 2.27 -6.47 -6.74
N VAL B 96 3.05 -6.43 -5.67
CA VAL B 96 3.96 -5.32 -5.43
C VAL B 96 5.31 -5.58 -6.06
N THR B 97 5.88 -6.75 -5.78
CA THR B 97 7.24 -7.02 -6.22
C THR B 97 7.37 -7.07 -7.74
N ARG B 98 6.30 -7.40 -8.46
CA ARG B 98 6.47 -7.50 -9.90
C ARG B 98 6.80 -6.15 -10.54
N ARG B 99 6.46 -5.04 -9.88
CA ARG B 99 6.85 -3.73 -10.41
C ARG B 99 8.31 -3.43 -10.19
N HIS B 100 9.00 -4.24 -9.41
CA HIS B 100 10.40 -4.01 -9.04
C HIS B 100 11.32 -5.09 -9.55
N ALA B 101 10.86 -5.94 -10.46
CA ALA B 101 11.73 -6.96 -11.04
C ALA B 101 12.87 -6.27 -11.79
N GLY B 102 14.10 -6.71 -11.51
CA GLY B 102 15.27 -6.08 -12.07
C GLY B 102 15.84 -4.94 -11.26
N LYS B 103 15.21 -4.57 -10.15
CA LYS B 103 15.76 -3.59 -9.21
C LYS B 103 15.64 -4.20 -7.82
N ASP B 104 15.60 -3.34 -6.79
CA ASP B 104 15.56 -3.84 -5.42
C ASP B 104 14.50 -3.12 -4.59
N MET B 105 14.26 -3.64 -3.39
CA MET B 105 13.26 -3.10 -2.47
C MET B 105 13.81 -3.17 -1.05
N THR B 106 13.40 -2.24 -0.20
CA THR B 106 13.85 -2.33 1.20
C THR B 106 13.15 -3.50 1.89
N VAL B 107 13.84 -4.05 2.88
CA VAL B 107 13.28 -5.09 3.73
C VAL B 107 11.97 -4.63 4.34
N ARG B 108 11.94 -3.39 4.83
CA ARG B 108 10.70 -2.86 5.41
C ARG B 108 9.56 -2.86 4.41
N ASP B 109 9.84 -2.47 3.16
CA ASP B 109 8.79 -2.44 2.14
C ASP B 109 8.37 -3.84 1.72
N LEU B 110 9.30 -4.80 1.73
CA LEU B 110 8.90 -6.18 1.50
C LEU B 110 7.96 -6.68 2.60
N CYS B 111 8.24 -6.33 3.86
CA CYS B 111 7.34 -6.71 4.96
C CYS B 111 5.96 -6.13 4.73
N ARG B 112 5.89 -4.83 4.44
CA ARG B 112 4.58 -4.23 4.22
C ARG B 112 3.84 -4.94 3.10
N ALA B 113 4.53 -5.17 1.98
CA ALA B 113 3.87 -5.80 0.84
C ALA B 113 3.34 -7.18 1.19
N THR B 114 4.13 -7.97 1.92
CA THR B 114 3.67 -9.32 2.19
C THR B 114 2.50 -9.34 3.17
N ILE B 115 2.42 -8.36 4.09
CA ILE B 115 1.28 -8.30 5.00
C ILE B 115 0.03 -7.80 4.29
N ILE B 116 0.11 -6.64 3.63
CA ILE B 116 -1.12 -5.96 3.20
C ILE B 116 -1.64 -6.44 1.85
N THR B 117 -0.77 -7.00 0.99
CA THR B 117 -1.20 -7.57 -0.27
C THR B 117 -1.00 -9.06 -0.35
N SER B 118 -0.34 -9.65 0.65
CA SER B 118 -0.04 -11.08 0.69
C SER B 118 0.91 -11.51 -0.44
N ASP B 119 1.74 -10.60 -0.93
CA ASP B 119 2.68 -10.86 -2.03
C ASP B 119 3.57 -12.06 -1.69
N ASN B 120 3.50 -13.10 -2.55
CA ASN B 120 4.23 -14.35 -2.30
C ASN B 120 5.73 -14.20 -2.60
N THR B 121 6.08 -13.44 -3.65
CA THR B 121 7.50 -13.20 -3.91
C THR B 121 8.13 -12.42 -2.77
N ALA B 122 7.43 -11.43 -2.23
CA ALA B 122 7.97 -10.72 -1.08
C ALA B 122 8.24 -11.66 0.09
N ALA B 123 7.33 -12.62 0.34
CA ALA B 123 7.54 -13.57 1.42
C ALA B 123 8.80 -14.41 1.19
N ASN B 124 8.98 -14.92 -0.02
CA ASN B 124 10.18 -15.73 -0.28
C ASN B 124 11.44 -14.89 -0.13
N LEU B 125 11.42 -13.63 -0.58
CA LEU B 125 12.58 -12.77 -0.39
C LEU B 125 12.86 -12.55 1.08
N LEU B 126 11.81 -12.38 1.89
CA LEU B 126 12.02 -12.21 3.33
C LEU B 126 12.53 -13.47 3.99
N PHE B 127 12.05 -14.65 3.56
CA PHE B 127 12.65 -15.90 4.01
C PHE B 127 14.15 -15.86 3.80
N GLY B 128 14.60 -15.36 2.65
CA GLY B 128 16.04 -15.28 2.39
C GLY B 128 16.76 -14.33 3.32
N VAL B 129 16.11 -13.25 3.76
CA VAL B 129 16.71 -12.33 4.70
C VAL B 129 16.94 -12.99 6.06
N VAL B 130 15.93 -13.74 6.54
CA VAL B 130 15.97 -14.23 7.93
C VAL B 130 16.62 -15.59 8.09
N GLY B 131 16.85 -16.32 7.01
CA GLY B 131 17.36 -17.67 7.10
C GLY B 131 16.30 -18.74 6.94
N GLY B 132 15.20 -18.44 6.28
CA GLY B 132 14.26 -19.45 5.84
C GLY B 132 13.26 -19.88 6.90
N PRO B 133 12.45 -20.87 6.56
CA PRO B 133 11.42 -21.36 7.50
C PRO B 133 11.99 -21.72 8.85
N PRO B 134 13.19 -22.29 8.94
CA PRO B 134 13.73 -22.60 10.28
C PRO B 134 13.86 -21.38 11.17
N ALA B 135 14.15 -20.21 10.60
CA ALA B 135 14.30 -19.01 11.43
C ALA B 135 12.94 -18.54 11.93
N VAL B 136 11.90 -18.68 11.10
CA VAL B 136 10.56 -18.33 11.56
C VAL B 136 10.12 -19.29 12.67
N THR B 137 10.38 -20.58 12.49
CA THR B 137 10.05 -21.52 13.55
C THR B 137 10.81 -21.20 14.83
N ALA B 138 12.10 -20.89 14.71
CA ALA B 138 12.89 -20.54 15.89
C ALA B 138 12.32 -19.32 16.60
N PHE B 139 11.88 -18.31 15.83
CA PHE B 139 11.24 -17.15 16.43
C PHE B 139 9.96 -17.54 17.18
N LEU B 140 9.13 -18.37 16.55
CA LEU B 140 7.92 -18.84 17.21
C LEU B 140 8.23 -19.58 18.50
N ARG B 141 9.19 -20.52 18.45
CA ARG B 141 9.55 -21.26 19.65
C ARG B 141 10.06 -20.33 20.74
N ALA B 142 10.91 -19.36 20.37
CA ALA B 142 11.45 -18.43 21.36
C ALA B 142 10.35 -17.61 22.02
N SER B 143 9.28 -17.32 21.28
CA SER B 143 8.16 -16.56 21.82
C SER B 143 7.26 -17.38 22.74
N GLY B 144 7.44 -18.70 22.76
CA GLY B 144 6.62 -19.58 23.58
C GLY B 144 5.59 -20.38 22.82
N ASP B 145 5.63 -20.40 21.49
CA ASP B 145 4.69 -21.15 20.67
C ASP B 145 5.37 -22.45 20.27
N THR B 146 4.89 -23.56 20.82
CA THR B 146 5.42 -24.88 20.52
C THR B 146 4.62 -25.60 19.44
N VAL B 147 3.60 -24.95 18.91
CA VAL B 147 2.63 -25.58 18.02
C VAL B 147 2.81 -25.12 16.57
N SER B 148 2.76 -23.81 16.34
CA SER B 148 2.87 -23.29 14.99
C SER B 148 4.25 -23.59 14.43
N ARG B 149 4.32 -23.87 13.14
CA ARG B 149 5.60 -24.22 12.55
C ARG B 149 5.63 -23.80 11.09
N SER B 150 6.77 -23.22 10.69
CA SER B 150 7.05 -22.84 9.30
C SER B 150 8.07 -23.82 8.73
N ASP B 151 7.75 -24.41 7.58
CA ASP B 151 8.56 -25.50 7.04
C ASP B 151 8.96 -25.31 5.58
N ARG B 152 8.10 -24.73 4.76
CA ARG B 152 8.31 -24.67 3.32
C ARG B 152 8.26 -23.22 2.83
N LEU B 153 8.73 -23.03 1.61
CA LEU B 153 8.68 -21.74 0.92
C LEU B 153 7.37 -21.60 0.15
N GLU B 154 7.16 -20.41 -0.43
CA GLU B 154 6.00 -20.20 -1.30
C GLU B 154 6.27 -20.83 -2.64
N PRO B 155 5.26 -21.46 -3.26
CA PRO B 155 3.87 -21.55 -2.79
C PRO B 155 3.54 -22.86 -2.09
N GLU B 156 4.51 -23.78 -1.97
CA GLU B 156 4.22 -25.11 -1.44
C GLU B 156 3.74 -25.07 0.01
N LEU B 157 4.10 -24.04 0.77
CA LEU B 157 3.71 -24.02 2.17
C LEU B 157 2.20 -23.99 2.37
N ASN B 158 1.44 -23.57 1.34
CA ASN B 158 -0.02 -23.47 1.45
C ASN B 158 -0.72 -24.80 1.26
N SER B 159 0.01 -25.84 0.86
CA SER B 159 -0.58 -27.16 0.70
C SER B 159 -0.86 -27.77 2.06
N PHE B 160 -1.90 -28.60 2.12
CA PHE B 160 -2.25 -29.25 3.35
C PHE B 160 -2.63 -30.70 3.09
N ALA B 161 -2.19 -31.58 4.00
CA ALA B 161 -2.61 -32.97 4.01
C ALA B 161 -2.86 -33.37 5.45
N LYS B 162 -3.99 -34.05 5.70
CA LYS B 162 -4.31 -34.49 7.04
C LYS B 162 -3.18 -35.36 7.58
N GLY B 163 -2.75 -35.07 8.81
CA GLY B 163 -1.63 -35.75 9.43
C GLY B 163 -0.27 -35.23 9.05
N ASP B 164 -0.17 -34.30 8.09
CA ASP B 164 1.07 -33.65 7.74
C ASP B 164 1.10 -32.30 8.45
N PRO B 165 1.94 -32.12 9.48
CA PRO B 165 1.88 -30.88 10.28
C PRO B 165 2.68 -29.72 9.71
N ARG B 166 3.30 -29.87 8.55
CA ARG B 166 4.10 -28.76 8.03
C ARG B 166 3.24 -27.53 7.78
N ASP B 167 3.75 -26.37 8.21
CA ASP B 167 3.12 -25.08 7.94
C ASP B 167 1.72 -24.99 8.54
N THR B 168 1.53 -25.61 9.70
CA THR B 168 0.25 -25.57 10.39
C THR B 168 0.33 -24.79 11.69
N THR B 169 -0.86 -24.43 12.19
CA THR B 169 -1.04 -23.91 13.53
C THR B 169 -2.35 -24.47 14.05
N THR B 170 -2.73 -24.07 15.26
CA THR B 170 -4.09 -24.27 15.76
C THR B 170 -4.69 -22.91 16.02
N PRO B 171 -6.03 -22.80 16.03
CA PRO B 171 -6.63 -21.50 16.36
C PRO B 171 -6.16 -20.95 17.69
N ALA B 172 -6.03 -21.80 18.71
CA ALA B 172 -5.65 -21.30 20.04
C ALA B 172 -4.18 -20.91 20.08
N ALA B 173 -3.30 -21.70 19.45
CA ALA B 173 -1.90 -21.33 19.46
C ALA B 173 -1.67 -20.02 18.73
N MET B 174 -2.32 -19.83 17.58
CA MET B 174 -2.12 -18.60 16.81
C MET B 174 -2.72 -17.40 17.55
N ALA B 175 -3.87 -17.59 18.21
CA ALA B 175 -4.43 -16.48 18.96
C ALA B 175 -3.49 -16.04 20.07
N ALA B 176 -2.92 -17.00 20.81
CA ALA B 176 -1.98 -16.65 21.89
C ALA B 176 -0.73 -15.98 21.32
N THR B 177 -0.21 -16.49 20.20
CA THR B 177 0.97 -15.88 19.60
C THR B 177 0.69 -14.48 19.09
N LEU B 178 -0.46 -14.27 18.44
CA LEU B 178 -0.82 -12.91 18.03
C LEU B 178 -0.88 -11.97 19.21
N GLN B 179 -1.46 -12.41 20.33
CA GLN B 179 -1.47 -11.56 21.51
C GLN B 179 -0.05 -11.20 21.93
N ARG B 180 0.81 -12.22 22.08
N ARG B 180 0.82 -12.22 22.07
CA ARG B 180 2.17 -11.97 22.57
CA ARG B 180 2.16 -11.94 22.58
C ARG B 180 2.93 -11.05 21.62
C ARG B 180 2.96 -11.07 21.62
N VAL B 181 2.79 -11.27 20.31
CA VAL B 181 3.61 -10.58 19.33
C VAL B 181 3.05 -9.20 18.98
N VAL B 182 1.73 -9.11 18.78
CA VAL B 182 1.15 -7.85 18.35
C VAL B 182 0.80 -6.94 19.52
N LEU B 183 0.47 -7.52 20.67
CA LEU B 183 0.06 -6.75 21.84
C LEU B 183 1.05 -6.80 22.99
N GLY B 184 1.83 -7.86 23.10
CA GLY B 184 2.72 -8.08 24.23
C GLY B 184 4.12 -7.57 23.97
N GLU B 185 5.10 -8.23 24.59
CA GLU B 185 6.46 -7.71 24.63
C GLU B 185 7.47 -8.58 23.89
N VAL B 186 7.01 -9.42 22.95
CA VAL B 186 7.95 -10.19 22.14
C VAL B 186 8.81 -9.25 21.31
N LEU B 187 8.21 -8.19 20.78
CA LEU B 187 8.90 -7.16 20.02
C LEU B 187 9.00 -5.89 20.87
N GLN B 188 9.98 -5.05 20.55
CA GLN B 188 10.07 -3.74 21.17
C GLN B 188 8.88 -2.89 20.73
N PRO B 189 8.53 -1.86 21.51
CA PRO B 189 7.32 -1.07 21.18
C PRO B 189 7.27 -0.56 19.74
N ALA B 190 8.35 0.03 19.24
CA ALA B 190 8.32 0.56 17.87
C ALA B 190 8.12 -0.55 16.85
N SER B 191 8.70 -1.73 17.10
CA SER B 191 8.51 -2.84 16.18
C SER B 191 7.08 -3.34 16.21
N ARG B 192 6.54 -3.50 17.40
CA ARG B 192 5.18 -4.00 17.57
C ARG B 192 4.15 -3.04 16.94
N GLN B 193 4.39 -1.75 17.12
CA GLN B 193 3.49 -0.77 16.52
C GLN B 193 3.56 -0.81 15.00
N GLN B 194 4.75 -0.98 14.44
CA GLN B 194 4.86 -1.08 12.99
C GLN B 194 4.09 -2.30 12.48
N LEU B 195 4.22 -3.44 13.15
CA LEU B 195 3.50 -4.63 12.73
C LEU B 195 2.00 -4.45 12.88
N ALA B 196 1.55 -3.89 14.00
CA ALA B 196 0.14 -3.58 14.18
C ALA B 196 -0.37 -2.71 13.04
N ASP B 197 0.40 -1.70 12.64
CA ASP B 197 -0.04 -0.80 11.58
C ASP B 197 -0.17 -1.53 10.25
N TRP B 198 0.76 -2.42 9.93
CA TRP B 198 0.63 -3.22 8.71
C TRP B 198 -0.65 -4.05 8.74
N LEU B 199 -0.94 -4.69 9.87
CA LEU B 199 -2.16 -5.47 9.97
C LEU B 199 -3.40 -4.58 9.84
N ILE B 200 -3.37 -3.40 10.47
CA ILE B 200 -4.50 -2.47 10.35
C ILE B 200 -4.71 -2.07 8.89
N ASP B 201 -3.60 -1.94 8.14
CA ASP B 201 -3.66 -1.52 6.74
C ASP B 201 -3.93 -2.66 5.76
N ASN B 202 -4.17 -3.87 6.24
CA ASN B 202 -4.36 -4.99 5.32
C ASN B 202 -5.48 -4.70 4.33
N GLU B 203 -5.24 -5.10 3.07
CA GLU B 203 -6.16 -4.82 1.97
C GLU B 203 -6.92 -6.05 1.47
N THR B 204 -6.60 -7.25 1.97
CA THR B 204 -7.15 -8.47 1.41
C THR B 204 -8.31 -9.05 2.21
N GLY B 205 -8.69 -8.42 3.32
CA GLY B 205 -9.67 -9.03 4.21
C GLY B 205 -11.01 -8.34 4.30
N ASP B 206 -11.35 -7.49 3.32
CA ASP B 206 -12.58 -6.69 3.45
C ASP B 206 -13.83 -7.56 3.51
N ALA B 207 -13.79 -8.74 2.90
CA ALA B 207 -14.95 -9.62 2.86
C ALA B 207 -14.91 -10.71 3.92
N CYS B 208 -13.90 -10.72 4.77
CA CYS B 208 -13.67 -11.81 5.74
C CYS B 208 -14.09 -11.31 7.13
N LEU B 209 -13.27 -11.46 8.17
CA LEU B 209 -13.73 -11.11 9.51
C LEU B 209 -14.23 -9.66 9.57
N ARG B 210 -13.52 -8.75 8.90
CA ARG B 210 -13.90 -7.33 8.93
C ARG B 210 -15.35 -7.13 8.53
N ALA B 211 -15.85 -7.93 7.59
CA ALA B 211 -17.20 -7.73 7.08
C ALA B 211 -18.26 -8.03 8.12
N GLY B 212 -17.92 -8.80 9.15
CA GLY B 212 -18.84 -9.11 10.22
C GLY B 212 -18.61 -8.33 11.50
N LEU B 213 -17.58 -7.50 11.58
CA LEU B 213 -17.23 -6.81 12.83
C LEU B 213 -17.73 -5.37 12.76
N GLY B 214 -18.40 -4.93 13.82
CA GLY B 214 -18.99 -3.61 13.88
C GLY B 214 -18.01 -2.48 14.10
N LYS B 215 -18.55 -1.26 14.06
CA LYS B 215 -17.75 -0.03 14.08
C LYS B 215 -17.03 0.21 15.41
N ARG B 216 -17.36 -0.52 16.46
CA ARG B 216 -16.63 -0.33 17.71
C ARG B 216 -15.20 -0.86 17.67
N TRP B 217 -14.79 -1.60 16.63
CA TRP B 217 -13.46 -2.19 16.54
C TRP B 217 -12.62 -1.52 15.46
N ARG B 218 -11.38 -1.20 15.81
CA ARG B 218 -10.32 -1.02 14.83
C ARG B 218 -9.67 -2.38 14.63
N VAL B 219 -9.62 -2.86 13.39
CA VAL B 219 -9.21 -4.24 13.09
C VAL B 219 -7.86 -4.25 12.38
N GLY B 220 -6.97 -5.13 12.82
CA GLY B 220 -5.81 -5.54 12.02
C GLY B 220 -5.94 -7.02 11.73
N ASP B 221 -5.62 -7.42 10.50
CA ASP B 221 -5.80 -8.83 10.17
C ASP B 221 -4.83 -9.28 9.10
N LYS B 222 -4.72 -10.60 8.96
CA LYS B 222 -4.00 -11.23 7.86
C LYS B 222 -4.81 -12.44 7.41
N THR B 223 -5.08 -12.52 6.11
CA THR B 223 -5.84 -13.61 5.53
C THR B 223 -4.92 -14.69 4.97
N GLY B 224 -5.53 -15.80 4.57
CA GLY B 224 -4.82 -16.82 3.82
C GLY B 224 -5.79 -17.74 3.12
N SER B 225 -5.28 -18.50 2.14
CA SER B 225 -6.15 -19.44 1.44
C SER B 225 -5.27 -20.40 0.66
N ASN B 226 -5.88 -21.47 0.17
CA ASN B 226 -5.25 -22.29 -0.86
C ASN B 226 -6.26 -22.63 -1.96
N GLY B 227 -5.80 -23.31 -3.00
CA GLY B 227 -6.67 -23.56 -4.13
C GLY B 227 -7.66 -24.69 -3.93
N GLU B 228 -7.52 -25.45 -2.86
CA GLU B 228 -8.39 -26.60 -2.62
C GLU B 228 -9.59 -26.24 -1.76
N ASP B 229 -9.36 -25.81 -0.51
CA ASP B 229 -10.51 -25.61 0.37
C ASP B 229 -10.27 -24.67 1.54
N ALA B 230 -9.05 -24.14 1.70
CA ALA B 230 -8.74 -23.41 2.92
C ALA B 230 -8.98 -21.92 2.74
N ARG B 231 -9.59 -21.30 3.74
CA ARG B 231 -9.64 -19.85 3.80
C ARG B 231 -9.59 -19.44 5.26
N ASN B 232 -8.65 -18.55 5.57
CA ASN B 232 -8.30 -18.21 6.95
C ASN B 232 -8.25 -16.71 7.13
N ASP B 233 -8.46 -16.27 8.37
CA ASP B 233 -8.25 -14.87 8.70
C ASP B 233 -7.97 -14.81 10.19
N ILE B 234 -6.91 -14.08 10.58
CA ILE B 234 -6.55 -13.88 11.97
C ILE B 234 -6.50 -12.39 12.23
N ALA B 235 -7.02 -11.96 13.38
CA ALA B 235 -7.27 -10.54 13.59
C ALA B 235 -7.02 -10.14 15.03
N VAL B 236 -6.62 -8.88 15.20
CA VAL B 236 -6.61 -8.20 16.48
C VAL B 236 -7.67 -7.11 16.43
N LEU B 237 -8.49 -7.03 17.49
CA LEU B 237 -9.61 -6.10 17.58
C LEU B 237 -9.30 -5.11 18.69
N TRP B 238 -9.05 -3.84 18.32
CA TRP B 238 -8.85 -2.80 19.31
C TRP B 238 -10.13 -2.00 19.46
N PRO B 239 -10.65 -1.84 20.68
CA PRO B 239 -11.85 -1.00 20.84
C PRO B 239 -11.52 0.47 20.57
N VAL B 240 -12.27 1.08 19.66
CA VAL B 240 -11.99 2.47 19.32
C VAL B 240 -12.21 3.38 20.53
N ALA B 241 -13.09 2.98 21.45
CA ALA B 241 -13.34 3.76 22.66
C ALA B 241 -12.31 3.54 23.74
N GLY B 242 -11.29 2.72 23.48
CA GLY B 242 -10.33 2.35 24.50
C GLY B 242 -10.76 1.09 25.24
N GLY B 243 -9.80 0.46 25.89
CA GLY B 243 -10.05 -0.77 26.61
C GLY B 243 -9.22 -1.92 26.08
N ALA B 244 -9.48 -3.11 26.62
CA ALA B 244 -8.67 -4.27 26.31
C ALA B 244 -9.00 -4.80 24.90
N PRO B 245 -7.97 -5.15 24.12
CA PRO B 245 -8.22 -5.75 22.81
C PRO B 245 -8.70 -7.20 22.94
N TRP B 246 -9.22 -7.68 21.82
CA TRP B 246 -9.55 -9.09 21.64
C TRP B 246 -8.75 -9.62 20.45
N VAL B 247 -8.55 -10.94 20.43
CA VAL B 247 -7.89 -11.62 19.32
C VAL B 247 -8.85 -12.67 18.78
N LEU B 248 -8.94 -12.75 17.46
CA LEU B 248 -9.90 -13.63 16.80
C LEU B 248 -9.20 -14.36 15.68
N THR B 249 -9.06 -15.68 15.81
CA THR B 249 -8.46 -16.48 14.75
C THR B 249 -9.52 -17.40 14.16
N ALA B 250 -9.46 -17.56 12.83
CA ALA B 250 -10.48 -18.33 12.12
C ALA B 250 -9.80 -19.06 10.98
N TYR B 251 -9.87 -20.40 11.02
CA TYR B 251 -9.28 -21.28 10.01
C TYR B 251 -10.39 -22.16 9.49
N LEU B 252 -10.60 -22.15 8.18
CA LEU B 252 -11.68 -22.89 7.57
C LEU B 252 -11.16 -23.79 6.46
N GLN B 253 -11.67 -25.02 6.40
CA GLN B 253 -11.56 -25.85 5.20
C GLN B 253 -12.98 -26.20 4.79
N ALA B 254 -13.38 -25.79 3.59
CA ALA B 254 -14.77 -25.98 3.17
C ALA B 254 -14.78 -26.13 1.66
N GLY B 255 -14.44 -27.33 1.20
CA GLY B 255 -14.35 -27.59 -0.23
C GLY B 255 -15.68 -27.66 -0.94
N ALA B 256 -16.79 -27.77 -0.21
CA ALA B 256 -18.09 -27.91 -0.84
C ALA B 256 -18.72 -26.58 -1.23
N ILE B 257 -18.13 -25.46 -0.82
CA ILE B 257 -18.64 -24.13 -1.12
C ILE B 257 -17.62 -23.36 -1.94
N SER B 258 -18.04 -22.21 -2.47
CA SER B 258 -17.18 -21.44 -3.35
C SER B 258 -16.18 -20.61 -2.54
N TYR B 259 -15.15 -20.11 -3.23
CA TYR B 259 -14.19 -19.22 -2.60
C TYR B 259 -14.89 -18.03 -1.97
N GLU B 260 -15.84 -17.42 -2.69
CA GLU B 260 -16.55 -16.27 -2.13
C GLU B 260 -17.38 -16.68 -0.93
N GLN B 261 -17.98 -17.86 -0.96
CA GLN B 261 -18.73 -18.33 0.21
C GLN B 261 -17.82 -18.60 1.40
N ARG B 262 -16.57 -19.00 1.15
CA ARG B 262 -15.63 -19.17 2.26
C ARG B 262 -15.37 -17.84 2.96
N ALA B 263 -15.27 -16.74 2.20
CA ALA B 263 -15.20 -15.43 2.84
C ALA B 263 -16.45 -15.16 3.67
N SER B 264 -17.62 -15.51 3.12
N SER B 264 -17.62 -15.51 3.14
CA SER B 264 -18.87 -15.29 3.85
CA SER B 264 -18.86 -15.26 3.87
C SER B 264 -18.86 -16.02 5.18
C SER B 264 -18.92 -16.05 5.17
N VAL B 265 -18.31 -17.23 5.20
CA VAL B 265 -18.19 -17.97 6.46
C VAL B 265 -17.34 -17.19 7.45
N LEU B 266 -16.20 -16.66 6.99
CA LEU B 266 -15.35 -15.89 7.89
C LEU B 266 -16.03 -14.62 8.37
N ALA B 267 -16.77 -13.95 7.48
CA ALA B 267 -17.55 -12.79 7.90
C ALA B 267 -18.54 -13.18 9.00
N GLN B 268 -19.16 -14.36 8.86
CA GLN B 268 -20.10 -14.82 9.87
C GLN B 268 -19.39 -15.13 11.19
N VAL B 269 -18.17 -15.66 11.14
CA VAL B 269 -17.39 -15.78 12.37
C VAL B 269 -17.26 -14.42 13.03
N GLY B 270 -16.96 -13.39 12.24
CA GLY B 270 -16.85 -12.05 12.78
C GLY B 270 -18.14 -11.58 13.43
N ARG B 271 -19.27 -11.85 12.78
CA ARG B 271 -20.57 -11.45 13.31
C ARG B 271 -20.89 -12.17 14.61
N ILE B 272 -20.64 -13.46 14.67
CA ILE B 272 -20.89 -14.22 15.89
C ILE B 272 -20.00 -13.72 17.02
N ALA B 273 -18.71 -13.55 16.72
CA ALA B 273 -17.77 -13.06 17.73
C ALA B 273 -18.18 -11.70 18.26
N ASP B 274 -18.54 -10.77 17.37
CA ASP B 274 -18.93 -9.44 17.82
C ASP B 274 -20.11 -9.54 18.78
N ARG B 275 -21.10 -10.38 18.46
CA ARG B 275 -22.27 -10.56 19.32
C ARG B 275 -21.86 -11.05 20.70
N LEU B 276 -20.85 -11.93 20.76
CA LEU B 276 -20.44 -12.58 21.98
C LEU B 276 -19.61 -11.68 22.89
N ILE B 277 -18.97 -10.64 22.35
CA ILE B 277 -18.18 -9.74 23.18
C ILE B 277 -19.10 -8.81 23.95
N GLY B 278 -19.84 -7.95 23.25
CA GLY B 278 -20.68 -6.98 23.95
C GLY B 278 -20.16 -6.11 25.11
OAC NXL C . -5.04 15.97 -6.60
CAN NXL C . -5.09 15.30 -5.61
N NXL C . -6.21 14.93 -5.07
CAJ NXL C . -6.30 14.00 -3.98
CA NXL C . -7.45 15.48 -5.49
C NXL C . -7.99 16.50 -4.54
O NXL C . -7.48 16.72 -3.49
NAA NXL C . -9.06 17.16 -4.83
CB NXL C . -8.53 14.40 -5.73
CAH NXL C . -8.62 13.39 -4.62
CAO NXL C . -7.27 12.83 -4.20
NAK NXL C . -6.77 11.83 -5.20
OAL NXL C . -6.81 12.18 -6.36
SAR NXL C . -5.38 11.82 -7.25
OAD NXL C . -4.46 12.64 -6.65
OAE NXL C . -5.30 10.52 -7.03
OAG NXL C . -5.65 12.28 -8.51
H2 NXL C . -6.53 14.43 -3.20
H3 NXL C . -5.46 13.65 -3.83
H4 NXL C . -7.34 15.91 -6.30
H5 NXL C . -9.49 17.06 -5.54
H6 NXL C . -9.41 17.73 -4.33
H7 NXL C . -8.35 13.91 -6.50
H8 NXL C . -9.35 14.78 -5.90
H9 NXL C . -9.02 13.78 -3.88
H10 NXL C . -9.23 12.72 -4.84
H11 NXL C . -7.40 12.40 -3.39
H12 NXL C . -5.93 11.74 -5.07
OAC NXL D . -2.61 -17.67 1.64
CAN NXL D . -1.92 -16.86 1.11
N NXL D . -1.90 -16.77 -0.21
CAJ NXL D . -1.32 -15.64 -0.88
CA NXL D . -2.56 -17.69 -1.06
C NXL D . -1.66 -18.66 -1.77
O NXL D . -0.68 -18.30 -2.34
NAA NXL D . -1.98 -19.92 -1.77
CB NXL D . -3.47 -17.02 -2.11
CAH NXL D . -2.86 -15.84 -2.78
CAO NXL D . -2.23 -14.87 -1.86
NAK NXL D . -3.35 -14.00 -1.19
OAL NXL D . -4.35 -14.69 -0.75
SAR NXL D . -4.87 -14.31 0.81
OAD NXL D . -5.39 -13.06 0.72
OAE NXL D . -3.69 -14.39 1.56
OAG NXL D . -5.74 -15.35 0.96
H2 NXL D . -0.57 -15.91 -1.33
H3 NXL D . -1.02 -15.04 -0.26
H4 NXL D . -3.12 -18.22 -0.54
H5 NXL D . -2.63 -20.22 -1.38
H6 NXL D . -1.55 -20.52 -2.13
H7 NXL D . -4.26 -16.75 -1.74
H8 NXL D . -3.74 -17.63 -2.74
H9 NXL D . -2.20 -16.13 -3.38
H10 NXL D . -3.47 -15.44 -3.34
H11 NXL D . -1.68 -14.33 -2.37
H12 NXL D . -3.01 -13.67 -0.48
#